data_2HO4
#
_entry.id   2HO4
#
_cell.length_a   46.586
_cell.length_b   68.078
_cell.length_c   190.982
_cell.angle_alpha   90.00
_cell.angle_beta   90.00
_cell.angle_gamma   90.00
#
_symmetry.space_group_name_H-M   'P 21 21 21'
#
loop_
_entity.id
_entity.type
_entity.pdbx_description
1 polymer 'Haloacid dehalogenase-like hydrolase domain containing 2'
2 non-polymer 'MAGNESIUM ION'
3 non-polymer 'PHOSPHATE ION'
4 water water
#
_entity_poly.entity_id   1
_entity_poly.type   'polypeptide(L)'
_entity_poly.pdbx_seq_one_letter_code
;SAARRALKAVLVDLNGTLHIEDAAVPGAQEALKRLRATSV(MSE)VRFVTNTTKETKKDLLERLKKLEFEISEDEIFTSL
TAARNLIEQKQVRP(MSE)LLLDDRALPEFTGVQTQDPNAVVIGLAPEHFHYQLLNQAFRLLLDGAPLIAIHKARYYKRK
DGLALGPGPFVTALEYATDTKA(MSE)VVGKPEKTFFLEALRDADCAPEEAV(MSE)IGDDCRDDVDGAQNIG(MSE)LG
ILVKTGKYKAADEEKINPPPYLTCESFPHAVDHILQHLL
;
_entity_poly.pdbx_strand_id   A,B
#
# COMPACT_ATOMS: atom_id res chain seq x y z
N ALA A 6 18.93 39.27 11.22
CA ALA A 6 17.83 38.61 10.42
C ALA A 6 17.68 37.10 10.67
N LEU A 7 18.76 36.42 11.06
CA LEU A 7 18.65 35.01 11.44
C LEU A 7 18.09 34.85 12.84
N LYS A 8 16.89 34.25 12.90
CA LYS A 8 16.15 34.11 14.14
C LYS A 8 16.15 32.72 14.75
N ALA A 9 16.37 31.68 13.92
CA ALA A 9 16.34 30.27 14.40
C ALA A 9 17.35 29.36 13.68
N VAL A 10 18.01 28.47 14.42
CA VAL A 10 18.87 27.47 13.82
C VAL A 10 18.35 26.10 14.22
N LEU A 11 17.98 25.29 13.23
CA LEU A 11 17.52 23.89 13.48
C LEU A 11 18.70 22.94 13.30
N VAL A 12 18.88 22.02 14.22
CA VAL A 12 20.08 21.17 14.16
C VAL A 12 19.65 19.71 14.28
N ASP A 13 19.95 18.94 13.24
CA ASP A 13 19.70 17.52 13.26
C ASP A 13 20.54 16.88 14.38
N LEU A 14 19.94 15.92 15.05
CA LEU A 14 20.53 15.35 16.24
C LEU A 14 21.40 14.09 16.02
N ASN A 15 21.48 13.57 14.80
CA ASN A 15 22.07 12.25 14.57
C ASN A 15 23.12 12.20 13.49
N GLY A 16 24.37 12.40 13.80
CA GLY A 16 25.33 12.34 12.71
C GLY A 16 25.80 13.74 12.40
N THR A 17 25.07 14.72 12.93
CA THR A 17 25.47 16.10 12.88
C THR A 17 26.16 16.42 14.22
N LEU A 18 25.67 15.83 15.30
CA LEU A 18 26.17 16.09 16.65
C LEU A 18 26.96 14.93 17.25
N HIS A 19 26.67 13.71 16.77
CA HIS A 19 27.38 12.51 17.22
C HIS A 19 27.25 11.34 16.24
N ILE A 20 28.20 10.42 16.34
CA ILE A 20 28.24 9.21 15.54
C ILE A 20 28.46 8.02 16.49
N ALA A 24 30.69 11.62 19.92
CA ALA A 24 30.35 13.01 19.72
C ALA A 24 31.30 13.70 18.74
N VAL A 25 30.75 14.30 17.67
CA VAL A 25 31.54 15.09 16.70
C VAL A 25 32.48 16.02 17.48
N PRO A 26 33.77 16.08 17.11
CA PRO A 26 34.67 16.92 17.92
C PRO A 26 34.48 18.45 17.74
N GLY A 27 34.32 19.13 18.86
CA GLY A 27 34.05 20.55 18.85
C GLY A 27 32.58 20.91 18.96
N ALA A 28 31.69 19.93 18.81
CA ALA A 28 30.23 20.17 18.82
C ALA A 28 29.70 20.86 20.09
N GLN A 29 30.00 20.30 21.25
CA GLN A 29 29.54 20.85 22.53
C GLN A 29 30.06 22.28 22.75
N GLU A 30 31.32 22.51 22.36
CA GLU A 30 31.92 23.85 22.39
C GLU A 30 31.28 24.78 21.33
N ALA A 31 31.23 24.33 20.07
CA ALA A 31 30.54 25.08 18.99
C ALA A 31 29.11 25.54 19.35
N LEU A 32 28.37 24.68 20.04
CA LEU A 32 27.02 25.00 20.52
C LEU A 32 26.99 26.03 21.63
N LYS A 33 27.86 25.88 22.62
CA LYS A 33 28.09 26.95 23.60
C LYS A 33 28.38 28.29 22.88
N ARG A 34 29.21 28.26 21.84
CA ARG A 34 29.49 29.48 21.05
C ARG A 34 28.24 30.04 20.35
N LEU A 35 27.44 29.15 19.74
CA LEU A 35 26.18 29.57 19.13
C LEU A 35 25.25 30.25 20.13
N ARG A 36 25.24 29.75 21.36
CA ARG A 36 24.39 30.28 22.44
C ARG A 36 24.76 31.67 22.96
N ALA A 37 26.03 32.04 22.78
CA ALA A 37 26.49 33.40 23.06
C ALA A 37 25.72 34.44 22.24
N THR A 38 25.06 33.99 21.16
CA THR A 38 24.12 34.87 20.45
C THR A 38 22.71 34.74 21.01
N SER A 39 21.80 35.49 20.41
CA SER A 39 20.40 35.49 20.78
C SER A 39 19.54 34.47 19.96
N VAL A 40 20.16 33.74 19.03
CA VAL A 40 19.43 32.87 18.14
C VAL A 40 18.67 31.78 18.91
N VAL A 42 17.75 28.03 19.28
CA VAL A 42 18.32 26.76 18.82
C VAL A 42 17.32 25.60 19.05
N ARG A 43 17.04 24.86 17.98
CA ARG A 43 16.20 23.65 18.10
C ARG A 43 16.98 22.43 17.63
N PHE A 44 16.80 21.33 18.37
CA PHE A 44 17.41 20.05 18.09
C PHE A 44 16.37 19.04 17.49
N VAL A 45 16.51 18.70 16.22
CA VAL A 45 15.46 17.93 15.53
C VAL A 45 15.85 16.52 15.06
N THR A 46 14.85 15.64 15.02
CA THR A 46 15.01 14.31 14.41
C THR A 46 13.67 13.74 13.91
N ASN A 47 13.70 12.99 12.79
CA ASN A 47 12.66 11.99 12.47
C ASN A 47 12.78 10.82 13.42
N THR A 48 11.68 10.44 14.04
CA THR A 48 11.59 9.20 14.84
C THR A 48 10.13 8.69 14.88
N THR A 49 9.90 7.38 14.95
CA THR A 49 8.55 6.83 15.26
C THR A 49 8.51 6.29 16.70
N LYS A 50 9.69 6.13 17.32
CA LYS A 50 9.86 5.33 18.56
C LYS A 50 10.34 6.15 19.75
N GLU A 51 11.08 7.23 19.51
CA GLU A 51 11.85 7.85 20.61
C GLU A 51 11.22 9.10 21.23
N THR A 52 11.30 9.16 22.56
CA THR A 52 10.79 10.29 23.33
C THR A 52 11.84 11.39 23.47
N LYS A 53 11.38 12.61 23.73
CA LYS A 53 12.23 13.75 24.05
C LYS A 53 13.12 13.44 25.27
N LYS A 54 12.55 12.80 26.27
CA LYS A 54 13.28 12.39 27.48
C LYS A 54 14.47 11.47 27.19
N ASP A 55 14.29 10.47 26.34
CA ASP A 55 15.42 9.61 25.98
C ASP A 55 16.46 10.40 25.20
N LEU A 56 16.03 11.21 24.24
CA LEU A 56 16.97 11.88 23.36
C LEU A 56 17.83 12.88 24.14
N LEU A 57 17.20 13.54 25.11
CA LEU A 57 17.85 14.52 25.96
C LEU A 57 18.93 13.78 26.74
N GLU A 58 18.51 12.77 27.49
CA GLU A 58 19.40 11.83 28.15
C GLU A 58 20.65 11.52 27.30
N ARG A 59 20.48 10.91 26.14
CA ARG A 59 21.59 10.58 25.23
C ARG A 59 22.54 11.75 24.96
N LEU A 60 21.96 12.95 24.80
CA LEU A 60 22.74 14.18 24.60
C LEU A 60 23.50 14.65 25.86
N LYS A 61 22.86 14.58 27.03
CA LYS A 61 23.51 14.93 28.31
C LYS A 61 24.70 14.01 28.64
N LYS A 62 24.54 12.70 28.43
CA LYS A 62 25.66 11.76 28.54
C LYS A 62 26.88 12.31 27.79
N LEU A 63 26.64 12.78 26.56
CA LEU A 63 27.65 13.28 25.62
C LEU A 63 28.11 14.74 25.88
N GLU A 64 27.63 15.31 26.99
CA GLU A 64 28.11 16.59 27.53
C GLU A 64 27.57 17.84 26.81
N PHE A 65 26.41 17.69 26.15
CA PHE A 65 25.73 18.85 25.56
C PHE A 65 24.88 19.52 26.62
N GLU A 66 24.80 20.85 26.58
CA GLU A 66 23.88 21.59 27.43
C GLU A 66 22.69 21.98 26.57
N ILE A 67 21.65 21.13 26.68
CA ILE A 67 20.46 21.19 25.86
C ILE A 67 19.34 20.99 26.88
N SER A 68 18.30 21.81 26.82
CA SER A 68 17.15 21.51 27.66
C SER A 68 16.04 20.81 26.85
N GLU A 69 15.01 20.30 27.53
CA GLU A 69 13.99 19.44 26.91
C GLU A 69 13.08 20.20 25.92
N ASP A 70 12.72 21.43 26.28
CA ASP A 70 11.85 22.23 25.45
C ASP A 70 12.51 22.55 24.10
N GLU A 71 13.80 22.20 23.96
CA GLU A 71 14.56 22.44 22.74
C GLU A 71 14.57 21.26 21.71
N ILE A 72 14.27 20.03 22.15
CA ILE A 72 14.16 18.87 21.25
C ILE A 72 12.80 18.84 20.52
N PHE A 73 12.84 18.66 19.21
CA PHE A 73 11.63 18.60 18.37
C PHE A 73 11.74 17.40 17.45
N THR A 74 10.68 16.59 17.37
CA THR A 74 10.71 15.40 16.51
C THR A 74 9.51 15.29 15.56
N SER A 75 9.54 14.28 14.71
CA SER A 75 8.40 13.83 13.86
C SER A 75 7.18 13.63 14.73
N LEU A 76 7.36 13.07 15.90
CA LEU A 76 6.21 12.90 16.79
C LEU A 76 5.60 14.18 17.29
N THR A 77 6.45 15.21 17.56
CA THR A 77 5.90 16.49 18.06
C THR A 77 5.10 17.13 16.96
N ALA A 78 5.61 17.09 15.74
CA ALA A 78 4.92 17.59 14.57
C ALA A 78 3.52 16.96 14.44
N ALA A 79 3.46 15.64 14.55
CA ALA A 79 2.16 14.93 14.65
C ALA A 79 1.30 15.37 15.84
N ARG A 80 1.87 15.51 17.04
CA ARG A 80 1.01 16.02 18.13
C ARG A 80 0.43 17.39 17.86
N ASN A 81 1.25 18.30 17.33
CA ASN A 81 0.81 19.63 16.94
C ASN A 81 -0.33 19.64 15.93
N LEU A 82 -0.17 18.88 14.85
CA LEU A 82 -1.22 18.72 13.85
C LEU A 82 -2.50 18.15 14.47
N ILE A 83 -2.36 17.09 15.27
CA ILE A 83 -3.49 16.59 16.03
C ILE A 83 -4.22 17.70 16.80
N GLU A 84 -3.47 18.51 17.52
CA GLU A 84 -4.05 19.55 18.33
C GLU A 84 -4.65 20.70 17.49
N GLN A 85 -4.01 21.06 16.39
CA GLN A 85 -4.61 21.99 15.44
C GLN A 85 -5.93 21.53 14.79
N LYS A 86 -5.96 20.27 14.38
CA LYS A 86 -7.15 19.72 13.74
C LYS A 86 -8.21 19.35 14.80
N GLN A 87 -7.81 19.34 16.07
CA GLN A 87 -8.67 18.94 17.18
C GLN A 87 -9.39 17.57 16.90
N VAL A 88 -8.60 16.54 16.51
CA VAL A 88 -9.12 15.21 16.21
C VAL A 88 -8.72 14.21 17.31
N ARG A 89 -9.42 13.09 17.38
CA ARG A 89 -9.08 12.05 18.35
C ARG A 89 -8.41 10.93 17.53
N PRO A 90 -7.06 10.86 17.58
CA PRO A 90 -6.43 9.90 16.70
C PRO A 90 -6.46 8.49 17.20
N LEU A 92 -3.93 5.64 17.23
CA LEU A 92 -2.49 5.74 17.15
C LEU A 92 -1.82 4.47 16.70
N LEU A 93 -1.54 4.36 15.40
CA LEU A 93 -0.84 3.18 14.90
C LEU A 93 0.63 3.46 15.03
N LEU A 94 1.03 3.45 16.30
CA LEU A 94 2.41 3.78 16.76
C LEU A 94 2.93 2.68 17.69
N ASP A 95 4.25 2.47 17.64
CA ASP A 95 4.94 1.71 18.67
C ASP A 95 4.53 2.20 20.08
N ASP A 96 4.34 1.26 21.01
CA ASP A 96 3.97 1.56 22.41
C ASP A 96 4.99 2.55 23.08
N ARG A 97 6.22 2.52 22.59
CA ARG A 97 7.29 3.42 23.07
C ARG A 97 7.10 4.91 22.73
N ALA A 98 6.44 5.21 21.61
CA ALA A 98 6.12 6.60 21.23
C ALA A 98 5.01 7.27 22.05
N LEU A 99 4.27 6.49 22.80
CA LEU A 99 2.99 6.95 23.36
C LEU A 99 3.12 8.03 24.46
N PRO A 100 4.23 7.97 25.28
CA PRO A 100 4.54 9.11 26.15
C PRO A 100 4.50 10.48 25.46
N GLU A 101 4.76 10.53 24.16
CA GLU A 101 4.68 11.80 23.45
C GLU A 101 3.28 12.30 23.19
N PHE A 102 2.28 11.46 23.49
CA PHE A 102 0.87 11.75 23.18
C PHE A 102 0.04 11.69 24.43
N THR A 103 0.67 11.75 25.60
CA THR A 103 -0.08 11.70 26.86
C THR A 103 -1.02 12.90 26.88
N GLY A 104 -2.27 12.67 27.32
CA GLY A 104 -3.31 13.71 27.29
C GLY A 104 -4.05 13.87 25.96
N VAL A 105 -3.63 13.15 24.93
CA VAL A 105 -4.40 13.12 23.65
C VAL A 105 -5.55 12.09 23.79
N GLN A 106 -6.76 12.49 23.41
CA GLN A 106 -7.92 11.60 23.46
C GLN A 106 -7.88 10.63 22.29
N THR A 107 -8.08 9.33 22.57
CA THR A 107 -8.02 8.35 21.48
C THR A 107 -9.30 7.52 21.36
N GLN A 108 -10.19 7.66 22.34
CA GLN A 108 -11.47 6.97 22.33
C GLN A 108 -12.41 7.62 21.30
N ASP A 109 -13.27 6.78 20.70
CA ASP A 109 -14.14 7.20 19.58
C ASP A 109 -13.38 7.98 18.47
N PRO A 110 -12.31 7.37 17.94
CA PRO A 110 -11.37 8.05 17.09
C PRO A 110 -11.96 8.54 15.78
N ASN A 111 -11.36 9.57 15.21
CA ASN A 111 -11.84 10.18 13.98
C ASN A 111 -10.61 10.68 13.20
N ALA A 112 -9.47 9.99 13.39
CA ALA A 112 -8.22 10.26 12.67
C ALA A 112 -7.34 9.07 12.84
N VAL A 113 -6.42 8.89 11.91
CA VAL A 113 -5.57 7.74 11.87
C VAL A 113 -4.13 8.28 11.83
N VAL A 114 -3.34 7.99 12.87
CA VAL A 114 -1.92 8.41 12.86
C VAL A 114 -1.05 7.17 12.75
N ILE A 115 -0.16 7.15 11.78
CA ILE A 115 0.56 5.97 11.47
C ILE A 115 2.08 6.16 11.48
N GLY A 116 2.75 5.41 12.34
CA GLY A 116 4.21 5.34 12.33
C GLY A 116 4.67 3.94 12.04
N LEU A 117 5.85 3.59 12.52
CA LEU A 117 6.28 2.19 12.42
C LEU A 117 5.75 1.48 13.65
N ALA A 118 4.73 0.66 13.46
CA ALA A 118 4.11 -0.08 14.50
C ALA A 118 3.87 -1.55 14.10
N PRO A 119 4.94 -2.41 13.99
CA PRO A 119 4.74 -3.82 13.56
C PRO A 119 3.63 -4.56 14.29
N GLU A 120 3.45 -4.32 15.59
CA GLU A 120 2.40 -5.01 16.33
C GLU A 120 1.00 -4.51 16.00
N HIS A 121 0.94 -3.41 15.27
CA HIS A 121 -0.35 -2.89 14.91
C HIS A 121 -0.56 -3.11 13.42
N PHE A 122 0.43 -3.67 12.77
CA PHE A 122 0.44 -3.70 11.32
C PHE A 122 -0.16 -5.07 10.84
N HIS A 123 -1.37 -5.32 11.28
CA HIS A 123 -2.11 -6.58 10.96
C HIS A 123 -3.53 -6.23 10.43
N TYR A 124 -4.08 -7.12 9.61
CA TYR A 124 -5.39 -6.94 8.89
C TYR A 124 -6.48 -6.22 9.65
N GLN A 125 -6.88 -6.81 10.74
CA GLN A 125 -7.99 -6.32 11.56
C GLN A 125 -7.86 -4.83 11.97
N LEU A 126 -6.68 -4.44 12.46
CA LEU A 126 -6.48 -3.11 12.94
C LEU A 126 -6.29 -2.16 11.78
N LEU A 127 -5.61 -2.61 10.73
CA LEU A 127 -5.55 -1.89 9.49
C LEU A 127 -6.94 -1.63 8.85
N ASN A 128 -7.83 -2.61 8.95
CA ASN A 128 -9.20 -2.53 8.39
C ASN A 128 -10.07 -1.57 9.18
N GLN A 129 -9.88 -1.57 10.51
CA GLN A 129 -10.49 -0.58 11.37
C GLN A 129 -10.12 0.85 10.96
N ALA A 130 -8.83 1.08 10.75
CA ALA A 130 -8.30 2.37 10.29
C ALA A 130 -8.94 2.74 8.92
N PHE A 131 -8.90 1.79 8.00
CA PHE A 131 -9.58 1.90 6.72
C PHE A 131 -10.99 2.41 6.86
N ARG A 132 -11.76 1.83 7.75
CA ARG A 132 -13.16 2.31 7.98
C ARG A 132 -13.28 3.70 8.61
N LEU A 133 -12.25 4.13 9.33
CA LEU A 133 -12.27 5.52 9.82
C LEU A 133 -12.06 6.42 8.62
N LEU A 134 -11.14 6.05 7.73
CA LEU A 134 -10.85 6.90 6.57
C LEU A 134 -12.05 7.03 5.59
N LEU A 135 -12.83 5.96 5.44
CA LEU A 135 -14.06 5.97 4.61
C LEU A 135 -15.08 6.92 5.17
N ASP A 136 -15.07 7.03 6.48
CA ASP A 136 -15.95 7.91 7.19
C ASP A 136 -15.48 9.41 7.11
N GLY A 137 -14.32 9.66 6.52
CA GLY A 137 -13.73 11.00 6.38
C GLY A 137 -12.55 11.30 7.31
N ALA A 138 -12.09 10.33 8.11
CA ALA A 138 -10.94 10.59 9.01
C ALA A 138 -9.70 11.06 8.25
N PRO A 139 -8.97 12.09 8.76
CA PRO A 139 -7.66 12.37 8.14
C PRO A 139 -6.66 11.28 8.48
N LEU A 140 -5.82 10.94 7.50
CA LEU A 140 -4.70 10.07 7.67
C LEU A 140 -3.42 10.86 7.82
N ILE A 141 -2.74 10.67 8.95
CA ILE A 141 -1.47 11.33 9.27
C ILE A 141 -0.29 10.34 9.36
N ALA A 142 0.70 10.46 8.48
CA ALA A 142 1.83 9.53 8.49
C ALA A 142 3.05 10.22 9.12
N ILE A 143 3.74 9.58 10.06
CA ILE A 143 5.03 10.10 10.58
C ILE A 143 6.05 10.26 9.44
N HIS A 144 6.29 9.20 8.69
CA HIS A 144 6.99 9.30 7.40
C HIS A 144 6.62 8.08 6.54
N LYS A 145 7.12 8.04 5.31
CA LYS A 145 6.79 6.95 4.35
C LYS A 145 7.99 6.11 3.86
N ALA A 146 8.96 5.85 4.71
CA ALA A 146 10.13 5.04 4.30
C ALA A 146 9.72 3.62 3.95
N ARG A 147 10.24 3.11 2.82
CA ARG A 147 9.90 1.80 2.30
C ARG A 147 10.36 0.70 3.24
N TYR A 148 11.59 0.84 3.73
CA TYR A 148 12.22 -0.14 4.61
C TYR A 148 13.23 0.52 5.55
N TYR A 149 13.67 -0.21 6.56
CA TYR A 149 14.82 0.22 7.36
C TYR A 149 15.71 -1.00 7.61
N LYS A 150 16.95 -0.76 8.06
CA LYS A 150 17.88 -1.86 8.42
C LYS A 150 17.81 -2.22 9.91
N ARG A 151 17.60 -3.50 10.20
CA ARG A 151 17.65 -3.97 11.59
C ARG A 151 18.67 -5.12 11.76
N LYS A 152 18.76 -5.68 12.96
CA LYS A 152 19.85 -6.60 13.26
C LYS A 152 19.91 -7.78 12.26
N ASP A 153 18.75 -8.17 11.72
CA ASP A 153 18.70 -9.28 10.77
C ASP A 153 18.52 -8.88 9.31
N GLY A 154 18.76 -7.62 8.95
CA GLY A 154 18.60 -7.16 7.54
C GLY A 154 17.49 -6.12 7.34
N LEU A 155 17.24 -5.75 6.09
CA LEU A 155 16.15 -4.83 5.73
C LEU A 155 14.81 -5.38 6.12
N ALA A 156 14.00 -4.49 6.69
CA ALA A 156 12.64 -4.79 7.11
C ALA A 156 11.66 -3.65 6.72
N LEU A 157 10.38 -4.04 6.54
CA LEU A 157 9.35 -3.11 6.09
C LEU A 157 9.30 -1.93 7.02
N GLY A 158 9.31 -0.73 6.47
CA GLY A 158 9.05 0.47 7.30
C GLY A 158 7.57 0.87 7.26
N PRO A 159 7.27 2.10 7.68
CA PRO A 159 5.87 2.49 7.76
C PRO A 159 5.25 2.80 6.38
N GLY A 160 6.07 3.21 5.40
CA GLY A 160 5.63 3.56 4.03
C GLY A 160 4.68 2.64 3.22
N PRO A 161 5.01 1.33 3.16
CA PRO A 161 4.13 0.29 2.53
C PRO A 161 2.71 0.23 3.12
N PHE A 162 2.60 0.37 4.45
CA PHE A 162 1.36 0.39 5.17
C PHE A 162 0.55 1.70 5.07
N VAL A 163 1.26 2.83 4.97
CA VAL A 163 0.61 4.12 4.67
C VAL A 163 -0.01 4.07 3.25
N THR A 164 0.79 3.60 2.30
CA THR A 164 0.41 3.47 0.93
C THR A 164 -0.81 2.53 0.71
N ALA A 165 -0.82 1.41 1.43
CA ALA A 165 -1.93 0.45 1.43
C ALA A 165 -3.24 1.12 1.79
N LEU A 166 -3.23 1.90 2.87
CA LEU A 166 -4.40 2.69 3.32
C LEU A 166 -4.84 3.76 2.31
N GLU A 167 -3.83 4.41 1.69
CA GLU A 167 -3.98 5.41 0.61
C GLU A 167 -4.54 4.79 -0.65
N TYR A 168 -4.01 3.62 -1.02
CA TYR A 168 -4.48 2.87 -2.15
C TYR A 168 -5.94 2.48 -1.99
N ALA A 169 -6.26 1.94 -0.81
CA ALA A 169 -7.60 1.43 -0.46
C ALA A 169 -8.71 2.47 -0.46
N THR A 170 -8.36 3.72 -0.14
CA THR A 170 -9.31 4.82 0.02
C THR A 170 -9.20 5.90 -1.04
N ASP A 171 -8.20 5.78 -1.92
CA ASP A 171 -7.87 6.80 -2.91
C ASP A 171 -7.73 8.17 -2.22
N THR A 172 -6.91 8.23 -1.18
CA THR A 172 -6.63 9.49 -0.47
C THR A 172 -5.14 9.58 -0.23
N LYS A 173 -4.69 10.71 0.28
CA LYS A 173 -3.26 10.88 0.50
C LYS A 173 -3.05 11.29 1.94
N ALA A 174 -2.11 10.63 2.61
CA ALA A 174 -1.78 11.01 3.97
C ALA A 174 -1.11 12.39 4.01
N VAL A 176 1.93 13.73 5.50
CA VAL A 176 3.17 13.24 6.08
C VAL A 176 3.82 14.39 6.89
N VAL A 177 4.17 14.12 8.16
CA VAL A 177 4.71 15.17 9.03
C VAL A 177 6.19 15.05 9.39
N GLY A 178 6.90 14.07 8.82
CA GLY A 178 8.33 13.91 9.06
C GLY A 178 9.14 14.56 7.95
N LYS A 179 10.45 14.72 8.16
CA LYS A 179 11.38 15.25 7.14
C LYS A 179 11.32 14.35 5.93
N PRO A 180 11.50 14.86 4.69
CA PRO A 180 11.71 16.19 4.14
C PRO A 180 10.47 17.01 4.00
N GLU A 181 9.37 16.60 4.63
CA GLU A 181 8.09 17.19 4.26
C GLU A 181 7.95 18.48 4.98
N LYS A 182 7.12 19.36 4.43
CA LYS A 182 7.11 20.77 4.80
C LYS A 182 6.67 20.98 6.24
N THR A 183 5.83 20.06 6.74
CA THR A 183 5.18 20.17 8.06
C THR A 183 6.19 20.03 9.19
N PHE A 184 7.15 19.12 9.01
CA PHE A 184 8.19 18.98 9.95
C PHE A 184 8.89 20.37 10.26
N PHE A 185 9.29 21.09 9.22
CA PHE A 185 9.99 22.37 9.35
C PHE A 185 9.11 23.51 9.91
N LEU A 186 7.85 23.60 9.47
CA LEU A 186 6.94 24.65 9.93
C LEU A 186 6.58 24.46 11.40
N GLU A 187 6.45 23.23 11.84
CA GLU A 187 6.17 23.00 13.25
C GLU A 187 7.40 23.19 14.12
N ALA A 188 8.55 22.83 13.59
CA ALA A 188 9.79 23.01 14.35
C ALA A 188 9.98 24.51 14.59
N LEU A 189 9.69 25.31 13.57
CA LEU A 189 9.88 26.75 13.60
C LEU A 189 8.77 27.50 14.36
N ARG A 190 7.74 26.77 14.82
CA ARG A 190 6.52 27.38 15.39
C ARG A 190 6.76 28.16 16.68
N ASP A 191 7.62 27.63 17.57
CA ASP A 191 7.95 28.30 18.84
C ASP A 191 8.80 29.57 18.63
N ALA A 192 9.44 29.72 17.48
CA ALA A 192 10.21 30.93 17.22
C ALA A 192 9.31 31.99 16.61
N ASP A 193 8.09 31.57 16.29
CA ASP A 193 7.11 32.44 15.63
CA ASP A 193 7.12 32.48 15.68
C ASP A 193 7.80 33.23 14.53
N CYS A 194 8.64 32.53 13.75
CA CYS A 194 9.39 33.17 12.66
C CYS A 194 9.11 32.57 11.28
N ALA A 195 9.53 33.29 10.23
CA ALA A 195 9.38 32.84 8.86
C ALA A 195 10.49 31.83 8.48
N PRO A 196 10.18 30.85 7.61
CA PRO A 196 11.21 29.84 7.28
C PRO A 196 12.44 30.50 6.66
N GLU A 197 12.19 31.60 5.95
CA GLU A 197 13.23 32.36 5.32
C GLU A 197 14.25 32.95 6.29
N GLU A 198 13.85 33.14 7.56
CA GLU A 198 14.69 33.67 8.64
C GLU A 198 15.29 32.56 9.52
N ALA A 199 15.42 31.36 8.97
CA ALA A 199 16.02 30.25 9.70
C ALA A 199 16.98 29.41 8.83
N VAL A 200 17.78 28.62 9.54
CA VAL A 200 18.73 27.73 8.92
C VAL A 200 18.57 26.36 9.54
N ILE A 202 20.65 22.60 9.89
CA ILE A 202 21.97 21.95 9.70
C ILE A 202 21.78 20.46 9.77
N GLY A 203 22.24 19.74 8.73
CA GLY A 203 22.14 18.26 8.75
C GLY A 203 23.21 17.55 7.94
N ASP A 204 23.37 16.27 8.16
CA ASP A 204 24.23 15.43 7.31
C ASP A 204 23.52 14.70 6.14
N ASP A 205 22.24 15.02 5.91
CA ASP A 205 21.44 14.33 4.90
C ASP A 205 20.96 15.37 3.88
N CYS A 206 21.56 15.38 2.70
CA CYS A 206 21.24 16.37 1.67
C CYS A 206 19.77 16.41 1.25
N ARG A 207 19.09 15.27 1.33
CA ARG A 207 17.67 15.22 0.97
C ARG A 207 16.72 15.54 2.11
N ASP A 208 16.84 14.82 3.22
CA ASP A 208 15.83 14.89 4.25
C ASP A 208 15.96 16.17 5.06
N ASP A 209 17.22 16.60 5.26
CA ASP A 209 17.58 17.73 6.10
C ASP A 209 17.60 18.94 5.21
N VAL A 210 18.49 18.97 4.23
CA VAL A 210 18.83 20.19 3.50
C VAL A 210 17.87 20.58 2.34
N ASP A 211 17.55 19.63 1.49
CA ASP A 211 16.63 19.94 0.44
C ASP A 211 15.25 20.25 1.05
N GLY A 212 14.86 19.45 2.05
CA GLY A 212 13.57 19.58 2.70
C GLY A 212 13.44 20.99 3.26
N ALA A 213 14.45 21.43 4.04
CA ALA A 213 14.48 22.80 4.59
C ALA A 213 14.45 23.88 3.49
N GLN A 214 15.23 23.68 2.43
CA GLN A 214 15.30 24.69 1.41
C GLN A 214 14.05 24.81 0.51
N ASN A 215 13.28 23.71 0.38
CA ASN A 215 12.01 23.72 -0.37
C ASN A 215 10.96 24.65 0.24
N ILE A 216 11.03 24.90 1.54
CA ILE A 216 10.20 25.94 2.14
C ILE A 216 10.95 27.30 2.32
N GLY A 217 12.16 27.38 1.76
CA GLY A 217 12.87 28.66 1.73
C GLY A 217 13.84 28.92 2.86
N LEU A 219 17.59 28.42 4.71
CA LEU A 219 18.97 28.08 4.37
C LEU A 219 19.35 26.72 4.96
N GLY A 220 19.95 25.85 4.16
CA GLY A 220 20.31 24.51 4.60
C GLY A 220 21.82 24.33 4.55
N ILE A 221 22.38 23.81 5.65
CA ILE A 221 23.79 23.57 5.69
C ILE A 221 24.07 22.07 5.76
N LEU A 222 24.73 21.51 4.75
CA LEU A 222 25.12 20.10 4.75
C LEU A 222 26.48 19.97 5.38
N VAL A 223 26.59 19.13 6.40
CA VAL A 223 27.88 18.77 6.97
C VAL A 223 28.39 17.40 6.50
N LYS A 224 29.72 17.32 6.38
CA LYS A 224 30.41 16.14 5.89
C LYS A 224 30.66 15.13 7.01
N THR A 225 29.92 15.23 8.10
CA THR A 225 29.91 14.14 9.10
C THR A 225 28.73 13.21 8.86
N GLY A 226 28.58 12.23 9.76
CA GLY A 226 27.43 11.33 9.78
C GLY A 226 27.31 10.59 8.48
N LYS A 227 26.14 10.66 7.86
CA LYS A 227 25.89 9.80 6.70
C LYS A 227 26.27 10.43 5.37
N TYR A 228 26.84 11.64 5.43
CA TYR A 228 27.35 12.33 4.23
C TYR A 228 28.34 11.50 3.38
N LYS A 229 28.15 11.47 2.06
CA LYS A 229 29.16 11.01 1.11
C LYS A 229 29.54 12.15 0.16
N ALA A 230 30.81 12.20 -0.21
CA ALA A 230 31.30 13.09 -1.25
C ALA A 230 30.34 13.22 -2.44
N ALA A 231 30.20 14.46 -2.91
CA ALA A 231 29.25 14.88 -3.93
C ALA A 231 27.73 14.68 -3.64
N ASP A 232 27.36 14.36 -2.41
CA ASP A 232 25.92 14.45 -1.99
C ASP A 232 25.29 15.80 -2.30
N GLU A 233 26.06 16.88 -2.10
CA GLU A 233 25.57 18.26 -2.34
C GLU A 233 25.10 18.44 -3.76
N GLU A 234 25.73 17.72 -4.70
CA GLU A 234 25.36 17.79 -6.11
C GLU A 234 24.03 17.11 -6.47
N LYS A 235 23.45 16.31 -5.56
CA LYS A 235 22.18 15.64 -5.92
C LYS A 235 20.86 16.43 -5.68
N ILE A 236 20.98 17.67 -5.19
CA ILE A 236 19.81 18.52 -4.94
C ILE A 236 19.90 19.85 -5.68
N ASN A 237 18.75 20.48 -5.91
CA ASN A 237 18.70 21.75 -6.68
C ASN A 237 17.66 22.66 -6.06
N PRO A 238 18.09 23.82 -5.55
CA PRO A 238 19.48 24.28 -5.54
C PRO A 238 20.40 23.52 -4.57
N PRO A 239 21.73 23.74 -4.69
CA PRO A 239 22.66 23.10 -3.77
C PRO A 239 22.44 23.65 -2.36
N PRO A 240 23.06 23.02 -1.36
CA PRO A 240 22.94 23.50 -0.01
C PRO A 240 23.53 24.91 0.01
N TYR A 241 22.84 25.81 0.69
CA TYR A 241 23.36 27.15 0.98
C TYR A 241 24.85 27.05 1.34
N LEU A 242 25.21 26.08 2.20
CA LEU A 242 26.61 25.87 2.51
C LEU A 242 26.80 24.40 2.75
N THR A 243 27.89 23.84 2.22
CA THR A 243 28.38 22.48 2.54
C THR A 243 29.75 22.58 3.26
N CYS A 244 29.88 22.00 4.43
CA CYS A 244 31.10 22.19 5.21
C CYS A 244 31.40 20.98 6.06
N GLU A 245 32.57 20.99 6.71
CA GLU A 245 33.11 19.76 7.22
C GLU A 245 32.31 19.26 8.38
N SER A 246 31.91 20.16 9.27
CA SER A 246 31.23 19.72 10.47
C SER A 246 30.30 20.75 11.09
N PHE A 247 29.57 20.32 12.13
CA PHE A 247 28.80 21.23 12.98
C PHE A 247 29.58 22.44 13.53
N PRO A 248 30.78 22.24 14.17
CA PRO A 248 31.57 23.46 14.53
C PRO A 248 31.86 24.41 13.36
N HIS A 249 32.15 23.88 12.19
CA HIS A 249 32.29 24.72 11.01
C HIS A 249 31.00 25.43 10.61
N ALA A 250 29.88 24.71 10.60
CA ALA A 250 28.58 25.33 10.26
C ALA A 250 28.41 26.55 11.13
N VAL A 251 28.68 26.36 12.43
CA VAL A 251 28.42 27.35 13.43
C VAL A 251 29.27 28.62 13.18
N ASP A 252 30.55 28.44 12.89
CA ASP A 252 31.41 29.61 12.65
C ASP A 252 30.90 30.43 11.47
N HIS A 253 30.48 29.73 10.41
CA HIS A 253 29.86 30.41 9.28
C HIS A 253 28.65 31.22 9.68
N ILE A 254 27.81 30.66 10.53
CA ILE A 254 26.59 31.32 10.91
C ILE A 254 26.95 32.64 11.66
N LEU A 255 27.78 32.50 12.69
CA LEU A 255 28.31 33.66 13.43
C LEU A 255 28.88 34.73 12.49
N GLN A 256 29.67 34.30 11.51
CA GLN A 256 30.32 35.22 10.61
C GLN A 256 29.34 35.96 9.70
N HIS A 257 28.49 35.22 8.99
CA HIS A 257 27.73 35.75 7.86
C HIS A 257 26.28 36.06 8.14
N LEU A 258 25.70 35.37 9.11
CA LEU A 258 24.23 35.38 9.25
C LEU A 258 23.71 36.11 10.48
N LEU A 259 24.60 36.29 11.46
CA LEU A 259 24.30 37.05 12.66
C LEU A 259 25.15 38.34 12.63
N LEU B 7 -19.23 -21.31 -33.24
CA LEU B 7 -18.49 -21.15 -31.94
C LEU B 7 -18.07 -22.48 -31.35
N LYS B 8 -16.92 -22.49 -30.69
CA LYS B 8 -16.44 -23.68 -30.00
C LYS B 8 -16.61 -23.66 -28.47
N ALA B 9 -16.84 -22.47 -27.90
CA ALA B 9 -16.75 -22.28 -26.43
C ALA B 9 -17.57 -21.10 -25.89
N VAL B 10 -18.18 -21.31 -24.73
CA VAL B 10 -18.86 -20.22 -24.04
C VAL B 10 -18.25 -20.10 -22.62
N LEU B 11 -17.90 -18.87 -22.22
CA LEU B 11 -17.29 -18.62 -20.91
C LEU B 11 -18.29 -17.94 -20.04
N VAL B 12 -18.57 -18.50 -18.87
CA VAL B 12 -19.57 -17.83 -18.05
C VAL B 12 -19.08 -17.39 -16.65
N ASP B 13 -19.34 -16.13 -16.34
CA ASP B 13 -19.19 -15.66 -15.00
C ASP B 13 -20.25 -16.23 -14.06
N LEU B 14 -19.79 -16.67 -12.90
CA LEU B 14 -20.66 -17.11 -11.84
C LEU B 14 -21.28 -15.95 -11.08
N ASN B 15 -20.50 -15.32 -10.20
CA ASN B 15 -21.06 -14.34 -9.28
C ASN B 15 -21.71 -13.18 -10.04
N GLY B 16 -23.03 -13.02 -9.93
CA GLY B 16 -23.75 -11.93 -10.61
C GLY B 16 -24.35 -12.30 -11.96
N THR B 17 -23.95 -13.44 -12.49
CA THR B 17 -24.45 -13.88 -13.79
C THR B 17 -25.35 -15.11 -13.62
N LEU B 18 -24.78 -16.16 -13.03
CA LEU B 18 -25.52 -17.36 -12.72
C LEU B 18 -26.35 -17.23 -11.46
N HIS B 19 -25.86 -16.45 -10.49
CA HIS B 19 -26.45 -16.39 -9.16
C HIS B 19 -26.06 -15.15 -8.36
N ILE B 20 -27.02 -14.51 -7.69
CA ILE B 20 -26.69 -13.44 -6.72
C ILE B 20 -26.71 -14.02 -5.31
N GLU B 21 -25.53 -14.48 -4.90
CA GLU B 21 -25.33 -15.22 -3.67
C GLU B 21 -26.15 -16.51 -3.71
N ASP B 22 -26.85 -16.84 -2.63
CA ASP B 22 -27.56 -18.11 -2.58
C ASP B 22 -28.89 -18.13 -3.37
N ALA B 23 -29.15 -17.06 -4.13
CA ALA B 23 -30.22 -16.97 -5.11
C ALA B 23 -29.73 -17.12 -6.57
N ALA B 24 -30.28 -18.10 -7.27
CA ALA B 24 -30.08 -18.27 -8.72
C ALA B 24 -30.73 -17.13 -9.47
N VAL B 25 -30.13 -16.76 -10.59
CA VAL B 25 -30.76 -15.83 -11.51
C VAL B 25 -31.96 -16.57 -12.14
N PRO B 26 -33.17 -15.99 -12.05
CA PRO B 26 -34.35 -16.70 -12.50
C PRO B 26 -34.15 -17.29 -13.90
N GLY B 27 -34.38 -18.58 -14.03
CA GLY B 27 -34.30 -19.25 -15.31
C GLY B 27 -32.93 -19.73 -15.73
N ALA B 28 -31.90 -19.50 -14.90
CA ALA B 28 -30.53 -19.77 -15.32
C ALA B 28 -30.16 -21.24 -15.32
N GLN B 29 -30.68 -21.99 -14.36
CA GLN B 29 -30.36 -23.43 -14.31
C GLN B 29 -30.87 -24.14 -15.57
N GLU B 30 -32.02 -23.68 -16.10
CA GLU B 30 -32.61 -24.29 -17.29
C GLU B 30 -31.93 -23.84 -18.57
N ALA B 31 -31.60 -22.55 -18.65
CA ALA B 31 -30.86 -22.01 -19.80
C ALA B 31 -29.59 -22.81 -19.99
N LEU B 32 -28.91 -23.11 -18.88
CA LEU B 32 -27.69 -23.89 -18.98
C LEU B 32 -27.96 -25.32 -19.49
N LYS B 33 -28.96 -25.99 -18.90
CA LYS B 33 -29.42 -27.30 -19.40
C LYS B 33 -29.58 -27.28 -20.93
N ARG B 34 -30.26 -26.25 -21.44
CA ARG B 34 -30.43 -25.95 -22.87
C ARG B 34 -29.15 -25.72 -23.70
N LEU B 35 -28.19 -24.92 -23.19
CA LEU B 35 -26.91 -24.74 -23.90
C LEU B 35 -26.20 -26.06 -24.13
N ARG B 36 -26.32 -26.94 -23.15
CA ARG B 36 -25.69 -28.25 -23.16
C ARG B 36 -26.26 -29.23 -24.19
N ALA B 37 -27.45 -28.95 -24.71
CA ALA B 37 -28.03 -29.76 -25.79
C ALA B 37 -27.19 -29.60 -27.08
N THR B 38 -26.25 -28.66 -27.07
CA THR B 38 -25.48 -28.36 -28.25
C THR B 38 -24.05 -28.88 -28.18
N SER B 39 -23.31 -28.53 -29.22
CA SER B 39 -21.94 -28.93 -29.44
C SER B 39 -20.94 -28.27 -28.47
N VAL B 40 -21.12 -26.97 -28.17
CA VAL B 40 -20.12 -26.15 -27.44
C VAL B 40 -19.58 -26.68 -26.13
N VAL B 42 -18.69 -25.55 -22.53
CA VAL B 42 -19.01 -24.54 -21.50
C VAL B 42 -17.86 -24.45 -20.47
N ARG B 43 -17.47 -23.23 -20.09
CA ARG B 43 -16.54 -23.04 -18.95
C ARG B 43 -17.00 -21.90 -18.06
N PHE B 44 -16.94 -22.13 -16.75
CA PHE B 44 -17.37 -21.17 -15.74
C PHE B 44 -16.13 -20.47 -15.11
N VAL B 45 -16.17 -19.13 -15.04
CA VAL B 45 -15.02 -18.29 -14.65
C VAL B 45 -15.38 -17.38 -13.47
N THR B 46 -14.37 -17.12 -12.62
CA THR B 46 -14.52 -16.35 -11.38
C THR B 46 -13.12 -15.90 -10.94
N ASN B 47 -13.05 -14.69 -10.36
CA ASN B 47 -11.78 -14.05 -9.91
C ASN B 47 -11.52 -14.24 -8.40
N THR B 48 -11.87 -15.40 -7.86
CA THR B 48 -11.77 -15.70 -6.41
C THR B 48 -10.33 -15.88 -5.88
N THR B 49 -10.15 -15.70 -4.58
CA THR B 49 -8.83 -15.95 -3.96
C THR B 49 -8.91 -16.97 -2.82
N LYS B 50 -10.15 -17.33 -2.42
CA LYS B 50 -10.48 -18.13 -1.24
C LYS B 50 -11.32 -19.45 -1.55
N GLU B 51 -11.85 -19.65 -2.76
CA GLU B 51 -12.72 -20.85 -3.03
C GLU B 51 -12.17 -21.86 -4.00
N THR B 52 -12.14 -23.11 -3.59
CA THR B 52 -11.76 -24.17 -4.53
C THR B 52 -12.88 -24.43 -5.59
N LYS B 53 -12.51 -25.03 -6.73
CA LYS B 53 -13.44 -25.59 -7.73
C LYS B 53 -14.52 -26.45 -7.03
N LYS B 54 -14.10 -27.29 -6.08
CA LYS B 54 -15.00 -28.15 -5.34
C LYS B 54 -16.00 -27.35 -4.50
N ASP B 55 -15.53 -26.30 -3.82
CA ASP B 55 -16.45 -25.52 -2.96
C ASP B 55 -17.47 -24.77 -3.79
N LEU B 56 -17.00 -24.27 -4.93
CA LEU B 56 -17.80 -23.52 -5.91
C LEU B 56 -18.89 -24.42 -6.54
N LEU B 57 -18.46 -25.59 -7.01
CA LEU B 57 -19.36 -26.65 -7.48
C LEU B 57 -20.44 -26.99 -6.46
N GLU B 58 -20.03 -27.29 -5.22
CA GLU B 58 -20.97 -27.60 -4.14
C GLU B 58 -22.05 -26.56 -3.96
N ARG B 59 -21.72 -25.28 -4.09
CA ARG B 59 -22.72 -24.23 -3.94
C ARG B 59 -23.67 -24.20 -5.12
N LEU B 60 -23.09 -24.28 -6.31
CA LEU B 60 -23.89 -24.34 -7.54
C LEU B 60 -24.86 -25.54 -7.60
N LYS B 61 -24.42 -26.71 -7.14
CA LYS B 61 -25.33 -27.88 -7.06
C LYS B 61 -26.55 -27.59 -6.17
N LYS B 62 -26.31 -26.95 -5.02
CA LYS B 62 -27.39 -26.52 -4.14
C LYS B 62 -28.40 -25.57 -4.82
N LEU B 63 -27.95 -24.89 -5.88
CA LEU B 63 -28.77 -23.91 -6.55
C LEU B 63 -29.51 -24.55 -7.71
N GLU B 64 -29.23 -25.84 -7.90
CA GLU B 64 -29.80 -26.66 -8.96
C GLU B 64 -29.12 -26.50 -10.33
N PHE B 65 -27.83 -26.16 -10.35
CA PHE B 65 -27.05 -26.20 -11.58
C PHE B 65 -26.37 -27.54 -11.71
N GLU B 66 -26.39 -28.08 -12.91
CA GLU B 66 -25.68 -29.33 -13.21
C GLU B 66 -24.36 -28.95 -13.87
N ILE B 67 -23.29 -29.07 -13.10
CA ILE B 67 -22.04 -28.49 -13.53
C ILE B 67 -20.96 -29.47 -13.18
N SER B 68 -19.92 -29.50 -14.00
CA SER B 68 -18.83 -30.40 -13.67
C SER B 68 -17.54 -29.66 -13.26
N GLU B 69 -16.79 -30.31 -12.38
CA GLU B 69 -15.57 -29.70 -11.83
C GLU B 69 -14.57 -29.19 -12.88
N ASP B 70 -14.39 -29.99 -13.95
CA ASP B 70 -13.46 -29.65 -15.05
C ASP B 70 -13.85 -28.45 -15.90
N GLU B 71 -15.04 -27.91 -15.66
CA GLU B 71 -15.55 -26.78 -16.44
C GLU B 71 -15.40 -25.48 -15.66
N ILE B 72 -14.84 -25.57 -14.47
CA ILE B 72 -14.66 -24.37 -13.60
C ILE B 72 -13.21 -23.95 -13.76
N PHE B 73 -13.01 -22.69 -14.13
CA PHE B 73 -11.67 -22.06 -14.15
C PHE B 73 -11.73 -20.82 -13.26
N THR B 74 -10.79 -20.72 -12.30
CA THR B 74 -10.75 -19.59 -11.36
C THR B 74 -9.43 -18.80 -11.47
N SER B 75 -9.35 -17.64 -10.80
CA SER B 75 -8.04 -16.95 -10.76
C SER B 75 -6.99 -17.76 -9.96
N LEU B 76 -7.44 -18.66 -9.10
CA LEU B 76 -6.53 -19.57 -8.39
C LEU B 76 -5.87 -20.59 -9.31
N THR B 77 -6.68 -21.15 -10.23
CA THR B 77 -6.19 -21.96 -11.36
C THR B 77 -5.17 -21.24 -12.19
N ALA B 78 -5.45 -20.00 -12.54
CA ALA B 78 -4.49 -19.19 -13.32
C ALA B 78 -3.13 -18.94 -12.59
N ALA B 79 -3.20 -18.84 -11.28
CA ALA B 79 -2.04 -18.67 -10.39
C ALA B 79 -1.26 -19.98 -10.34
N ARG B 80 -1.97 -21.09 -10.21
CA ARG B 80 -1.29 -22.37 -10.31
C ARG B 80 -0.63 -22.57 -11.65
N ASN B 81 -1.30 -22.18 -12.74
CA ASN B 81 -0.69 -22.25 -14.07
C ASN B 81 0.61 -21.46 -14.22
N LEU B 82 0.59 -20.21 -13.77
CA LEU B 82 1.80 -19.37 -13.79
C LEU B 82 2.96 -19.90 -12.89
N ILE B 83 2.64 -20.38 -11.69
CA ILE B 83 3.65 -21.00 -10.82
C ILE B 83 4.34 -22.12 -11.56
N GLU B 84 3.51 -22.94 -12.22
CA GLU B 84 3.97 -24.13 -12.91
C GLU B 84 4.80 -23.80 -14.10
N GLN B 85 4.35 -22.82 -14.88
CA GLN B 85 5.11 -22.30 -16.01
C GLN B 85 6.43 -21.62 -15.61
N LYS B 86 6.45 -20.96 -14.45
CA LYS B 86 7.68 -20.29 -14.02
C LYS B 86 8.60 -21.26 -13.24
N GLN B 87 8.06 -22.39 -12.83
CA GLN B 87 8.80 -23.41 -12.08
C GLN B 87 9.32 -22.79 -10.80
N VAL B 88 8.41 -22.24 -10.00
CA VAL B 88 8.78 -21.57 -8.77
C VAL B 88 8.25 -22.37 -7.62
N ARG B 89 8.78 -22.11 -6.42
CA ARG B 89 8.29 -22.66 -5.15
C ARG B 89 7.67 -21.48 -4.41
N PRO B 90 6.34 -21.35 -4.47
CA PRO B 90 5.79 -20.11 -3.93
C PRO B 90 5.54 -20.16 -2.42
N LEU B 92 2.73 -18.89 -0.28
CA LEU B 92 1.33 -18.69 -0.65
C LEU B 92 0.66 -17.86 0.42
N LEU B 93 0.58 -16.58 0.20
CA LEU B 93 -0.11 -15.72 1.14
C LEU B 93 -1.59 -15.80 0.72
N LEU B 94 -2.23 -16.91 1.06
CA LEU B 94 -3.59 -17.18 0.65
C LEU B 94 -4.37 -17.60 1.86
N ASP B 95 -5.69 -17.37 1.80
CA ASP B 95 -6.65 -18.04 2.68
C ASP B 95 -6.38 -19.53 2.66
N ASP B 96 -6.38 -20.16 3.84
CA ASP B 96 -6.09 -21.58 3.95
C ASP B 96 -7.11 -22.42 3.14
N ARG B 97 -8.31 -21.90 2.92
CA ARG B 97 -9.32 -22.62 2.11
C ARG B 97 -8.93 -22.75 0.63
N ALA B 98 -8.00 -21.91 0.17
CA ALA B 98 -7.58 -21.95 -1.22
C ALA B 98 -6.53 -23.04 -1.45
N LEU B 99 -5.96 -23.54 -0.35
CA LEU B 99 -4.82 -24.46 -0.38
C LEU B 99 -5.04 -25.70 -1.26
N PRO B 100 -6.25 -26.32 -1.16
CA PRO B 100 -6.45 -27.47 -2.05
C PRO B 100 -6.12 -27.24 -3.52
N GLU B 101 -6.26 -26.02 -4.06
CA GLU B 101 -5.86 -25.75 -5.47
C GLU B 101 -4.36 -25.85 -5.78
N PHE B 102 -3.53 -26.13 -4.77
CA PHE B 102 -2.07 -26.05 -4.91
C PHE B 102 -1.40 -27.33 -4.42
N THR B 103 -2.20 -28.34 -4.04
CA THR B 103 -1.65 -29.65 -3.66
C THR B 103 -0.67 -30.12 -4.74
N GLY B 104 0.42 -30.72 -4.29
CA GLY B 104 1.50 -31.10 -5.18
C GLY B 104 2.45 -29.98 -5.60
N VAL B 105 2.17 -28.73 -5.20
CA VAL B 105 3.13 -27.65 -5.50
C VAL B 105 4.10 -27.52 -4.32
N GLN B 106 5.38 -27.79 -4.57
CA GLN B 106 6.44 -27.54 -3.57
C GLN B 106 6.51 -26.10 -3.06
N THR B 107 6.38 -25.92 -1.75
CA THR B 107 6.52 -24.56 -1.21
C THR B 107 7.78 -24.35 -0.35
N GLN B 108 8.58 -25.40 -0.17
CA GLN B 108 9.79 -25.30 0.67
C GLN B 108 10.86 -24.40 0.02
N ASP B 109 11.73 -23.83 0.83
CA ASP B 109 12.70 -22.88 0.33
C ASP B 109 12.12 -21.96 -0.75
N PRO B 110 11.10 -21.17 -0.36
CA PRO B 110 10.37 -20.31 -1.32
C PRO B 110 11.21 -19.39 -2.22
N ASN B 111 10.85 -19.31 -3.49
CA ASN B 111 11.47 -18.33 -4.39
C ASN B 111 10.41 -17.56 -5.22
N ALA B 112 9.22 -17.41 -4.66
CA ALA B 112 8.17 -16.65 -5.32
C ALA B 112 7.19 -16.31 -4.24
N VAL B 113 6.36 -15.28 -4.47
CA VAL B 113 5.32 -14.92 -3.53
C VAL B 113 3.98 -14.77 -4.30
N VAL B 114 2.96 -15.50 -3.84
CA VAL B 114 1.64 -15.51 -4.46
C VAL B 114 0.75 -14.94 -3.40
N ILE B 115 0.09 -13.85 -3.76
CA ILE B 115 -0.76 -13.20 -2.78
C ILE B 115 -2.26 -13.13 -3.16
N GLY B 116 -3.12 -13.65 -2.29
CA GLY B 116 -4.58 -13.52 -2.45
C GLY B 116 -5.16 -12.59 -1.38
N LEU B 117 -6.43 -12.73 -1.08
CA LEU B 117 -6.95 -12.08 0.12
C LEU B 117 -6.79 -13.09 1.24
N ALA B 118 -5.93 -12.75 2.19
CA ALA B 118 -5.59 -13.62 3.30
C ALA B 118 -5.43 -12.91 4.63
N PRO B 119 -6.55 -12.37 5.17
CA PRO B 119 -6.60 -11.59 6.43
C PRO B 119 -5.68 -12.12 7.52
N GLU B 120 -5.67 -13.45 7.67
CA GLU B 120 -4.95 -14.14 8.73
C GLU B 120 -3.47 -14.11 8.52
N HIS B 121 -3.05 -13.96 7.26
CA HIS B 121 -1.61 -13.90 6.93
C HIS B 121 -1.17 -12.46 6.57
N PHE B 122 -2.08 -11.51 6.69
CA PHE B 122 -1.78 -10.10 6.36
C PHE B 122 -1.31 -9.34 7.62
N HIS B 123 -0.24 -9.84 8.22
CA HIS B 123 0.34 -9.25 9.43
C HIS B 123 1.84 -9.02 9.25
N TYR B 124 2.40 -8.04 9.95
CA TYR B 124 3.80 -7.57 9.66
C TYR B 124 4.83 -8.68 9.47
N GLN B 125 4.84 -9.64 10.36
CA GLN B 125 5.83 -10.71 10.36
C GLN B 125 5.84 -11.46 9.02
N LEU B 126 4.64 -11.83 8.53
CA LEU B 126 4.53 -12.54 7.26
C LEU B 126 4.77 -11.64 6.09
N LEU B 127 4.25 -10.40 6.15
CA LEU B 127 4.48 -9.50 5.04
C LEU B 127 5.95 -9.17 4.85
N ASN B 128 6.68 -9.07 5.98
CA ASN B 128 8.14 -8.84 5.96
C ASN B 128 8.89 -10.09 5.45
N GLN B 129 8.50 -11.28 5.87
CA GLN B 129 8.98 -12.51 5.22
C GLN B 129 8.88 -12.40 3.68
N ALA B 130 7.69 -12.04 3.17
CA ALA B 130 7.47 -11.92 1.73
C ALA B 130 8.41 -10.92 1.11
N PHE B 131 8.44 -9.74 1.70
CA PHE B 131 9.28 -8.63 1.24
C PHE B 131 10.74 -9.08 1.05
N ARG B 132 11.26 -9.83 1.99
CA ARG B 132 12.66 -10.28 1.92
C ARG B 132 12.87 -11.28 0.77
N LEU B 133 11.82 -12.03 0.39
CA LEU B 133 11.96 -12.90 -0.78
C LEU B 133 12.03 -12.05 -1.99
N LEU B 134 11.19 -11.00 -2.02
CA LEU B 134 11.11 -10.14 -3.21
C LEU B 134 12.40 -9.34 -3.40
N LEU B 135 12.99 -8.90 -2.29
CA LEU B 135 14.34 -8.30 -2.33
C LEU B 135 15.34 -9.22 -3.01
N ASP B 136 15.27 -10.52 -2.67
CA ASP B 136 16.15 -11.52 -3.28
C ASP B 136 15.76 -11.90 -4.71
N GLY B 137 14.86 -11.14 -5.31
CA GLY B 137 14.50 -11.32 -6.71
C GLY B 137 13.30 -12.20 -7.01
N ALA B 138 12.67 -12.81 -6.00
CA ALA B 138 11.42 -13.58 -6.20
C ALA B 138 10.31 -12.81 -6.94
N PRO B 139 9.55 -13.49 -7.84
CA PRO B 139 8.45 -12.77 -8.44
C PRO B 139 7.27 -12.59 -7.46
N LEU B 140 6.62 -11.43 -7.53
CA LEU B 140 5.32 -11.19 -6.86
C LEU B 140 4.16 -11.56 -7.82
N ILE B 141 3.33 -12.49 -7.40
CA ILE B 141 2.18 -12.93 -8.17
C ILE B 141 0.91 -12.55 -7.40
N ALA B 142 0.11 -11.66 -7.97
CA ALA B 142 -1.15 -11.25 -7.32
C ALA B 142 -2.34 -11.87 -8.08
N ILE B 143 -3.21 -12.52 -7.35
CA ILE B 143 -4.44 -13.02 -7.92
C ILE B 143 -5.29 -11.86 -8.47
N HIS B 144 -5.68 -10.90 -7.64
CA HIS B 144 -6.09 -9.56 -8.14
C HIS B 144 -5.70 -8.39 -7.23
N LYS B 145 -5.97 -7.17 -7.70
CA LYS B 145 -5.68 -5.93 -6.96
C LYS B 145 -6.90 -5.12 -6.41
N ALA B 146 -8.05 -5.78 -6.19
CA ALA B 146 -9.21 -5.04 -5.65
C ALA B 146 -8.86 -4.22 -4.38
N ARG B 147 -9.27 -2.95 -4.36
CA ARG B 147 -9.06 -2.04 -3.23
C ARG B 147 -9.74 -2.57 -1.98
N TYR B 148 -11.02 -2.90 -2.12
CA TYR B 148 -11.82 -3.44 -1.06
C TYR B 148 -12.91 -4.33 -1.69
N TYR B 149 -13.64 -5.01 -0.82
CA TYR B 149 -14.85 -5.76 -1.17
C TYR B 149 -15.84 -5.60 -0.03
N LYS B 150 -17.10 -5.86 -0.34
CA LYS B 150 -18.15 -5.79 0.65
C LYS B 150 -18.16 -7.04 1.51
N ARG B 151 -17.82 -6.88 2.78
CA ARG B 151 -17.88 -7.98 3.73
C ARG B 151 -19.24 -7.91 4.37
N LYS B 152 -19.58 -8.84 5.23
CA LYS B 152 -20.95 -8.85 5.77
C LYS B 152 -21.20 -7.75 6.80
N ASP B 153 -20.13 -7.16 7.34
CA ASP B 153 -20.27 -6.05 8.29
C ASP B 153 -19.90 -4.71 7.66
N GLY B 154 -19.65 -4.73 6.34
CA GLY B 154 -19.38 -3.51 5.61
C GLY B 154 -18.19 -3.65 4.70
N LEU B 155 -17.80 -2.56 4.07
CA LEU B 155 -16.60 -2.61 3.22
C LEU B 155 -15.37 -3.01 4.03
N ALA B 156 -14.56 -3.92 3.48
CA ALA B 156 -13.34 -4.40 4.13
C ALA B 156 -12.20 -4.34 3.14
N LEU B 157 -10.97 -4.21 3.63
CA LEU B 157 -9.81 -4.16 2.71
C LEU B 157 -9.71 -5.44 1.92
N GLY B 158 -9.37 -5.30 0.65
CA GLY B 158 -9.13 -6.44 -0.23
C GLY B 158 -7.65 -6.75 -0.31
N PRO B 159 -7.26 -7.58 -1.27
CA PRO B 159 -5.86 -7.98 -1.44
C PRO B 159 -5.01 -6.87 -2.01
N GLY B 160 -5.62 -5.95 -2.79
CA GLY B 160 -4.93 -4.85 -3.47
C GLY B 160 -4.02 -3.91 -2.67
N PRO B 161 -4.48 -3.48 -1.49
CA PRO B 161 -3.72 -2.60 -0.61
C PRO B 161 -2.43 -3.29 -0.20
N PHE B 162 -2.51 -4.59 0.10
CA PHE B 162 -1.39 -5.42 0.43
C PHE B 162 -0.43 -5.78 -0.71
N VAL B 163 -0.94 -5.96 -1.92
CA VAL B 163 -0.07 -6.14 -3.07
C VAL B 163 0.74 -4.82 -3.24
N THR B 164 0.03 -3.71 -3.11
CA THR B 164 0.55 -2.37 -3.35
C THR B 164 1.65 -2.00 -2.31
N ALA B 165 1.48 -2.47 -1.07
CA ALA B 165 2.43 -2.29 0.02
C ALA B 165 3.77 -2.97 -0.32
N LEU B 166 3.71 -4.17 -0.88
CA LEU B 166 4.92 -4.93 -1.27
C LEU B 166 5.57 -4.40 -2.53
N GLU B 167 4.78 -3.98 -3.51
CA GLU B 167 5.23 -3.24 -4.69
C GLU B 167 5.96 -1.91 -4.33
N TYR B 168 5.42 -1.21 -3.36
CA TYR B 168 6.02 0.02 -2.90
C TYR B 168 7.32 -0.27 -2.17
N ALA B 169 7.29 -1.21 -1.24
CA ALA B 169 8.46 -1.59 -0.45
C ALA B 169 9.67 -1.98 -1.33
N THR B 170 9.40 -2.62 -2.47
CA THR B 170 10.45 -3.25 -3.27
C THR B 170 10.67 -2.48 -4.58
N ASP B 171 9.82 -1.50 -4.85
CA ASP B 171 9.80 -0.82 -6.15
C ASP B 171 9.72 -1.82 -7.32
N THR B 172 8.81 -2.78 -7.21
CA THR B 172 8.58 -3.78 -8.24
C THR B 172 7.09 -3.81 -8.53
N LYS B 173 6.70 -4.57 -9.53
CA LYS B 173 5.31 -4.62 -9.91
C LYS B 173 4.91 -6.07 -9.87
N ALA B 174 3.75 -6.36 -9.29
CA ALA B 174 3.19 -7.73 -9.32
C ALA B 174 2.76 -8.17 -10.72
N VAL B 176 -0.23 -9.74 -12.26
CA VAL B 176 -1.64 -10.03 -11.97
C VAL B 176 -2.15 -11.14 -12.90
N VAL B 177 -2.78 -12.16 -12.32
CA VAL B 177 -3.31 -13.32 -13.09
C VAL B 177 -4.84 -13.35 -13.25
N GLY B 178 -5.53 -12.55 -12.46
CA GLY B 178 -6.97 -12.52 -12.50
C GLY B 178 -7.51 -11.70 -13.66
N LYS B 179 -8.84 -11.77 -13.85
CA LYS B 179 -9.58 -10.78 -14.63
C LYS B 179 -9.29 -9.40 -14.07
N PRO B 180 -9.21 -8.39 -14.97
CA PRO B 180 -9.51 -8.56 -16.39
C PRO B 180 -8.28 -8.83 -17.25
N GLU B 181 -7.31 -9.59 -16.72
CA GLU B 181 -6.03 -9.83 -17.41
C GLU B 181 -6.14 -10.76 -18.61
N LYS B 182 -5.57 -10.27 -19.73
CA LYS B 182 -5.47 -11.01 -20.98
C LYS B 182 -5.34 -12.53 -20.76
N THR B 183 -4.30 -12.88 -20.01
CA THR B 183 -3.92 -14.28 -19.78
C THR B 183 -5.00 -15.08 -19.07
N PHE B 184 -5.87 -14.38 -18.33
CA PHE B 184 -6.95 -15.08 -17.59
C PHE B 184 -7.89 -15.76 -18.60
N PHE B 185 -8.41 -14.97 -19.54
CA PHE B 185 -9.27 -15.40 -20.65
C PHE B 185 -8.64 -16.41 -21.61
N LEU B 186 -7.43 -16.13 -22.05
CA LEU B 186 -6.72 -17.07 -22.90
C LEU B 186 -6.56 -18.45 -22.26
N GLU B 187 -6.17 -18.47 -20.98
CA GLU B 187 -5.98 -19.71 -20.24
C GLU B 187 -7.28 -20.47 -19.99
N ALA B 188 -8.37 -19.71 -19.92
CA ALA B 188 -9.71 -20.28 -19.72
C ALA B 188 -10.06 -21.14 -20.93
N LEU B 189 -9.88 -20.56 -22.13
CA LEU B 189 -10.15 -21.20 -23.43
C LEU B 189 -9.21 -22.35 -23.84
N ARG B 190 -8.21 -22.66 -23.03
CA ARG B 190 -7.22 -23.67 -23.43
C ARG B 190 -7.80 -25.01 -23.90
N ASP B 191 -8.85 -25.49 -23.24
CA ASP B 191 -9.39 -26.83 -23.51
C ASP B 191 -10.22 -26.84 -24.80
N ALA B 192 -10.77 -25.68 -25.16
CA ALA B 192 -11.57 -25.52 -26.36
C ALA B 192 -10.79 -25.74 -27.67
N ASP B 193 -9.45 -25.72 -27.61
CA ASP B 193 -8.57 -25.77 -28.80
C ASP B 193 -9.02 -24.71 -29.80
N CYS B 194 -9.14 -23.48 -29.32
CA CYS B 194 -9.94 -22.45 -29.97
C CYS B 194 -9.27 -21.07 -29.99
N ALA B 195 -9.80 -20.17 -30.80
CA ALA B 195 -9.32 -18.81 -30.92
C ALA B 195 -10.33 -17.86 -30.30
N PRO B 196 -9.86 -16.86 -29.54
CA PRO B 196 -10.69 -15.90 -28.82
C PRO B 196 -12.13 -15.73 -29.33
N GLU B 198 -14.23 -17.40 -32.27
CA GLU B 198 -14.54 -18.81 -31.90
C GLU B 198 -15.10 -19.03 -30.47
N ALA B 199 -15.23 -17.96 -29.68
CA ALA B 199 -15.66 -18.07 -28.27
C ALA B 199 -16.39 -16.81 -27.80
N VAL B 200 -17.33 -16.99 -26.84
CA VAL B 200 -18.07 -15.87 -26.27
C VAL B 200 -17.93 -15.90 -24.73
N ILE B 202 -19.83 -14.48 -21.10
CA ILE B 202 -21.03 -13.79 -20.50
C ILE B 202 -20.71 -13.31 -19.05
N GLY B 203 -20.86 -12.01 -18.78
CA GLY B 203 -20.66 -11.54 -17.43
C GLY B 203 -21.43 -10.29 -17.11
N ASP B 204 -21.45 -9.96 -15.82
CA ASP B 204 -22.21 -8.80 -15.34
C ASP B 204 -21.37 -7.51 -15.24
N ASP B 205 -20.04 -7.68 -15.28
CA ASP B 205 -19.07 -6.56 -15.23
C ASP B 205 -18.54 -6.19 -16.63
N CYS B 206 -18.97 -5.03 -17.12
CA CYS B 206 -18.52 -4.51 -18.43
C CYS B 206 -16.99 -4.50 -18.62
N ARG B 207 -16.29 -4.15 -17.55
CA ARG B 207 -14.82 -4.04 -17.58
C ARG B 207 -14.10 -5.40 -17.44
N ASP B 208 -14.33 -6.11 -16.33
CA ASP B 208 -13.64 -7.35 -16.01
C ASP B 208 -14.06 -8.49 -16.92
N ASP B 209 -15.30 -8.40 -17.38
CA ASP B 209 -15.90 -9.50 -18.11
C ASP B 209 -15.83 -9.27 -19.63
N VAL B 210 -16.54 -8.24 -20.10
CA VAL B 210 -16.73 -8.01 -21.54
C VAL B 210 -15.49 -7.39 -22.18
N ASP B 211 -15.18 -6.13 -21.83
CA ASP B 211 -14.01 -5.43 -22.38
C ASP B 211 -12.83 -6.36 -22.23
N GLY B 212 -12.59 -6.79 -20.99
CA GLY B 212 -11.59 -7.80 -20.71
C GLY B 212 -11.51 -8.84 -21.80
N ALA B 213 -12.59 -9.58 -22.04
CA ALA B 213 -12.59 -10.75 -22.97
C ALA B 213 -12.52 -10.36 -24.42
N GLN B 214 -13.18 -9.25 -24.77
CA GLN B 214 -13.19 -8.78 -26.15
C GLN B 214 -11.83 -8.20 -26.59
N ASN B 215 -11.11 -7.56 -25.66
CA ASN B 215 -9.74 -7.06 -25.90
CA ASN B 215 -9.79 -7.05 -26.05
C ASN B 215 -8.79 -8.16 -26.32
N ILE B 216 -9.23 -9.40 -26.17
CA ILE B 216 -8.43 -10.53 -26.62
C ILE B 216 -8.98 -11.17 -27.93
N GLY B 217 -10.06 -10.63 -28.47
CA GLY B 217 -10.67 -11.18 -29.70
C GLY B 217 -11.84 -12.16 -29.54
N LEU B 219 -15.96 -12.52 -28.23
CA LEU B 219 -17.15 -11.68 -28.14
C LEU B 219 -17.61 -11.74 -26.70
N GLY B 220 -18.23 -10.67 -26.25
CA GLY B 220 -18.70 -10.62 -24.90
C GLY B 220 -20.16 -10.21 -24.88
N ILE B 221 -20.93 -10.87 -24.02
CA ILE B 221 -22.29 -10.42 -23.76
C ILE B 221 -22.32 -9.86 -22.35
N LEU B 222 -22.78 -8.63 -22.22
CA LEU B 222 -23.09 -8.06 -20.93
C LEU B 222 -24.52 -8.38 -20.55
N VAL B 223 -24.68 -8.87 -19.34
CA VAL B 223 -25.93 -9.23 -18.75
C VAL B 223 -26.30 -8.21 -17.68
N LYS B 224 -27.59 -7.87 -17.61
CA LYS B 224 -28.08 -6.79 -16.75
C LYS B 224 -28.41 -7.19 -15.31
N THR B 225 -27.88 -8.33 -14.87
CA THR B 225 -28.05 -8.78 -13.49
C THR B 225 -26.78 -8.49 -12.70
N GLY B 226 -26.79 -8.85 -11.42
CA GLY B 226 -25.57 -8.74 -10.61
C GLY B 226 -25.14 -7.30 -10.46
N LYS B 227 -23.87 -7.01 -10.70
CA LYS B 227 -23.31 -5.67 -10.46
C LYS B 227 -23.79 -4.59 -11.45
N TYR B 228 -24.31 -5.05 -12.59
CA TYR B 228 -24.66 -4.16 -13.71
C TYR B 228 -25.52 -2.99 -13.30
N LYS B 229 -25.22 -1.82 -13.86
CA LYS B 229 -26.05 -0.61 -13.66
C LYS B 229 -26.33 0.10 -14.99
N ALA B 230 -27.46 0.81 -15.05
CA ALA B 230 -27.90 1.52 -16.27
C ALA B 230 -26.78 2.27 -17.01
N ALA B 231 -26.80 2.16 -18.34
CA ALA B 231 -25.79 2.77 -19.23
C ALA B 231 -24.37 2.24 -19.07
N ASP B 232 -24.20 1.20 -18.26
CA ASP B 232 -22.89 0.52 -18.10
C ASP B 232 -22.24 0.11 -19.41
N GLU B 233 -23.05 -0.03 -20.46
CA GLU B 233 -22.58 -0.59 -21.72
C GLU B 233 -21.87 0.48 -22.54
N GLU B 234 -22.09 1.73 -22.17
CA GLU B 234 -21.50 2.89 -22.86
C GLU B 234 -20.02 3.13 -22.44
N LYS B 235 -19.70 2.78 -21.20
CA LYS B 235 -18.36 2.98 -20.63
C LYS B 235 -17.21 2.32 -21.42
N ILE B 236 -17.49 1.20 -22.08
CA ILE B 236 -16.41 0.47 -22.78
C ILE B 236 -16.44 0.65 -24.31
N ASN B 237 -15.25 0.56 -24.92
CA ASN B 237 -15.08 0.66 -26.37
C ASN B 237 -14.08 -0.38 -26.86
N PRO B 238 -14.44 -1.16 -27.91
CA PRO B 238 -15.76 -1.28 -28.56
C PRO B 238 -16.79 -1.84 -27.58
N PRO B 239 -18.06 -1.41 -27.71
CA PRO B 239 -19.09 -1.79 -26.73
C PRO B 239 -19.38 -3.31 -26.78
N PRO B 240 -20.27 -3.81 -25.90
CA PRO B 240 -20.40 -5.27 -25.86
C PRO B 240 -21.13 -5.75 -27.11
N TYR B 241 -20.59 -6.80 -27.71
CA TYR B 241 -21.28 -7.52 -28.78
C TYR B 241 -22.82 -7.55 -28.58
N LEU B 242 -23.26 -7.96 -27.41
CA LEU B 242 -24.67 -7.83 -27.02
C LEU B 242 -24.83 -7.42 -25.56
N THR B 243 -25.83 -6.62 -25.29
CA THR B 243 -26.26 -6.32 -23.95
C THR B 243 -27.70 -6.84 -23.80
N CYS B 244 -27.90 -7.81 -22.91
CA CYS B 244 -29.19 -8.44 -22.73
C CYS B 244 -29.48 -8.62 -21.25
N GLU B 245 -30.76 -8.82 -20.92
CA GLU B 245 -31.27 -8.72 -19.56
C GLU B 245 -30.73 -9.71 -18.51
N SER B 246 -30.38 -10.91 -18.96
CA SER B 246 -29.88 -11.97 -18.08
C SER B 246 -29.24 -13.09 -18.86
N PHE B 247 -28.78 -14.07 -18.12
CA PHE B 247 -28.08 -15.18 -18.74
C PHE B 247 -28.98 -16.10 -19.62
N PRO B 248 -30.22 -16.42 -19.18
CA PRO B 248 -31.13 -17.20 -20.06
C PRO B 248 -31.32 -16.53 -21.42
N HIS B 249 -31.34 -15.19 -21.43
CA HIS B 249 -31.50 -14.42 -22.65
C HIS B 249 -30.32 -14.61 -23.55
N ALA B 250 -29.13 -14.55 -22.93
CA ALA B 250 -27.87 -14.68 -23.61
C ALA B 250 -27.74 -16.06 -24.22
N VAL B 251 -28.31 -17.06 -23.54
CA VAL B 251 -28.28 -18.45 -24.01
C VAL B 251 -29.14 -18.60 -25.30
N ASP B 252 -30.33 -18.01 -25.30
CA ASP B 252 -31.22 -18.08 -26.47
C ASP B 252 -30.56 -17.39 -27.66
N HIS B 253 -30.02 -16.17 -27.43
CA HIS B 253 -29.26 -15.47 -28.48
C HIS B 253 -28.19 -16.35 -29.11
N ILE B 254 -27.43 -17.02 -28.26
CA ILE B 254 -26.32 -17.83 -28.70
C ILE B 254 -26.83 -19.07 -29.46
N LEU B 255 -27.92 -19.64 -28.95
CA LEU B 255 -28.57 -20.78 -29.59
C LEU B 255 -29.09 -20.41 -30.97
N GLN B 256 -29.68 -19.22 -31.10
CA GLN B 256 -30.22 -18.73 -32.38
C GLN B 256 -29.17 -18.22 -33.39
N HIS B 257 -28.13 -17.52 -32.92
CA HIS B 257 -27.24 -16.83 -33.86
C HIS B 257 -25.85 -17.40 -34.04
N LEU B 258 -25.28 -18.07 -33.03
CA LEU B 258 -23.84 -18.36 -33.07
C LEU B 258 -23.49 -19.84 -33.01
N LEU B 259 -24.48 -20.70 -32.85
CA LEU B 259 -24.18 -22.13 -32.85
C LEU B 259 -24.67 -22.81 -34.13
#